data_8KDH
#
_entry.id   8KDH
#
_cell.length_a   1.00
_cell.length_b   1.00
_cell.length_c   1.00
_cell.angle_alpha   90.00
_cell.angle_beta   90.00
_cell.angle_gamma   90.00
#
_symmetry.space_group_name_H-M   'P 1'
#
loop_
_entity.id
_entity.type
_entity.pdbx_description
1 polymer '4F2 cell-surface antigen heavy chain'
2 polymer 'Large neutral amino acids transporter small subunit 1'
3 non-polymer CHOLESTEROL
4 non-polymer 1-palmitoyl-2-oleoyl-sn-glycero-3-phosphocholine
5 non-polymer '(1~{S},2~{R},4~{R})-2-azanylbicyclo[2.2.1]heptane-2-carboxylic acid'
#
loop_
_entity_poly.entity_id
_entity_poly.type
_entity_poly.pdbx_seq_one_letter_code
_entity_poly.pdbx_strand_id
1 'polypeptide(L)'
;GSELQPPEASIAVVSIPRQLPGSHSEAGVQGLSAGDDSELGSHCVAQTGLELLASGDPLPSASQNAEMIETGSDCVTQAG
LQLLASSDPPALASKNAEVTGTMSQDTEVDMKEVELNELEPEKQPMNAASGAAMSLAGAEKNGLVKIKVAEDEAEAAAAA
KFTGLSKEELLKVAGSPGWVRTRWALLLLFWLGWLGMLAGAVVIIVRAPRCRELPAQKWWHTGALYRIGDLQAFQGHGAG
NLAGLKGRLDYLSSLKVKGLVLGPIHKNQKDDVAQTDLLQIDPNFGSKEDFDSLLQSAKKKSIRVILDLTPNYRGENSWF
STQVDTVATKVKDALEFWLQAGVDGFQVRDIENLKDASSFLAEWQNITKGFSEDRLLIAGTNSSDLQQILSLLESNKDLL
LTSSYLSDSGSTGEHTKSLVTQYLNATGNRWCSWSLSQARLLTSFLPAQLLRLYQLMLFTLPGTPVFSYGDEIGLDAAAL
PGQPMEAPVMLWDESSFPDIPGAVSANMTVKGQSEDPGSLLSLFRRLSDQRSKERSLLHGDFHAFSAGPGLFSYIRHWDQ
NERFLVVLNFGDVGLSAGLQASDLPASASLPAKADLLLSTQPGREEGSPLELERLKLEPHEGLLLRFPYAA
;
A
2 'polypeptide(L)'
;MAGAGPKRRALAAPAAEEKEEAREKMLAAKSADGSAPAGEGEGVTLQRNITLLNGVAIIVGTIIGSGIFVTPTGVLKEAG
SPGLALVVWAACGVFSIVGALCYAELGTTISKSGGDYAYMLEVYGSLPAFLKLWIELLIIRPSSQYIVALVFATYLLKPL
FPTCPVPEEAAKLVACLCVLLLTAVNCYSVKAATRVQDAFAAAKLLALALIILLGFVQIGKGDVSNLDPNFSFEGTKLDV
GNIVLALYSGLFAYGGWNYLNFVTEEMINPYRNLPLAIIISLPIVTLVYVLTNLAYFTTLSTEQMLSSEAVAVDFGNYHL
GVMSWIIPVFVGLSCFGSVNGSLFTSSRLFFVGSREGHLPSILSMIHPQLLTPVPSLVFTCVMTLLYAFSKDIFSVINFF
SFFNWLCVALAIIGMIWLRHRKPELERPIKVNLALPVFFILACLFLIAVSFWKTPVECGIGFTIILSGLPVYFFGVWWKN
KPKWLLQGIFSTTVLCQKLMQVVPQETDYKDDDDK
;
B
#
# COMPACT_ATOMS: atom_id res chain seq x y z
N THR A 163 -23.62 -14.88 8.32
CA THR A 163 -24.11 -16.18 7.78
C THR A 163 -23.18 -17.34 8.17
N GLY A 164 -23.16 -17.66 9.49
CA GLY A 164 -22.29 -18.62 10.15
C GLY A 164 -22.59 -18.70 11.65
N LEU A 165 -21.68 -19.32 12.42
CA LEU A 165 -21.85 -19.49 13.86
C LEU A 165 -21.67 -18.15 14.58
N SER A 166 -22.49 -17.86 15.60
CA SER A 166 -22.27 -16.78 16.56
C SER A 166 -21.08 -17.07 17.49
N LYS A 167 -20.72 -16.11 18.36
CA LYS A 167 -19.69 -16.37 19.37
C LYS A 167 -20.03 -17.56 20.27
N GLU A 168 -21.31 -17.63 20.70
CA GLU A 168 -21.86 -18.67 21.54
C GLU A 168 -21.76 -20.03 20.84
N GLU A 169 -22.22 -20.10 19.58
CA GLU A 169 -22.19 -21.33 18.80
C GLU A 169 -20.76 -21.78 18.50
N LEU A 170 -19.84 -20.83 18.25
CA LEU A 170 -18.44 -21.18 18.00
C LEU A 170 -17.78 -21.78 19.24
N LEU A 171 -17.83 -21.11 20.40
CA LEU A 171 -17.14 -21.61 21.59
C LEU A 171 -17.72 -22.96 22.08
N LYS A 172 -19.00 -23.24 21.77
CA LYS A 172 -19.64 -24.52 22.03
C LYS A 172 -19.16 -25.67 21.13
N VAL A 173 -18.33 -25.40 20.09
CA VAL A 173 -17.83 -26.41 19.15
C VAL A 173 -16.30 -26.36 19.01
N ALA A 174 -15.76 -25.19 18.65
CA ALA A 174 -14.36 -25.00 18.29
C ALA A 174 -13.41 -25.00 19.50
N GLY A 175 -13.94 -25.03 20.73
CA GLY A 175 -13.16 -25.25 21.95
C GLY A 175 -12.87 -26.73 22.28
N SER A 176 -13.36 -27.68 21.47
CA SER A 176 -13.11 -29.11 21.64
C SER A 176 -11.61 -29.46 21.57
N PRO A 177 -11.05 -30.33 22.46
CA PRO A 177 -9.62 -30.67 22.42
C PRO A 177 -9.04 -31.09 21.06
N GLY A 178 -9.84 -31.76 20.19
CA GLY A 178 -9.45 -32.07 18.82
C GLY A 178 -9.17 -30.83 17.95
N TRP A 179 -10.07 -29.84 18.00
CA TRP A 179 -9.85 -28.56 17.35
C TRP A 179 -8.71 -27.77 18.01
N VAL A 180 -8.56 -27.78 19.33
CA VAL A 180 -7.45 -27.11 20.01
C VAL A 180 -6.10 -27.69 19.56
N ARG A 181 -5.96 -29.02 19.51
CA ARG A 181 -4.74 -29.66 19.04
C ARG A 181 -4.52 -29.42 17.54
N THR A 182 -5.59 -29.44 16.72
CA THR A 182 -5.48 -29.10 15.30
C THR A 182 -4.97 -27.67 15.11
N ARG A 183 -5.54 -26.71 15.84
CA ARG A 183 -5.16 -25.31 15.77
C ARG A 183 -3.71 -25.10 16.24
N TRP A 184 -3.28 -25.75 17.32
CA TRP A 184 -1.87 -25.77 17.70
C TRP A 184 -0.96 -26.33 16.61
N ALA A 185 -1.35 -27.46 16.01
CA ALA A 185 -0.60 -28.03 14.90
C ALA A 185 -0.49 -27.05 13.72
N LEU A 186 -1.58 -26.42 13.26
CA LEU A 186 -1.53 -25.45 12.18
C LEU A 186 -0.62 -24.28 12.50
N LEU A 187 -0.70 -23.77 13.72
CA LEU A 187 0.16 -22.66 14.14
C LEU A 187 1.64 -23.07 14.05
N LEU A 188 2.04 -24.21 14.62
CA LEU A 188 3.44 -24.60 14.61
C LEU A 188 3.87 -25.04 13.21
N LEU A 189 2.97 -25.66 12.42
CA LEU A 189 3.25 -26.04 11.03
C LEU A 189 3.61 -24.82 10.19
N PHE A 190 2.79 -23.75 10.31
CA PHE A 190 3.09 -22.49 9.65
C PHE A 190 4.44 -21.96 10.14
N TRP A 191 4.66 -21.90 11.45
CA TRP A 191 5.82 -21.19 11.96
C TRP A 191 7.14 -21.92 11.66
N LEU A 192 7.16 -23.26 11.73
CA LEU A 192 8.29 -24.02 11.24
C LEU A 192 8.42 -23.90 9.73
N GLY A 193 7.31 -23.80 8.99
CA GLY A 193 7.37 -23.54 7.56
C GLY A 193 8.05 -22.21 7.22
N TRP A 194 7.75 -21.12 7.94
CA TRP A 194 8.41 -19.84 7.76
C TRP A 194 9.88 -19.93 8.16
N LEU A 195 10.23 -20.59 9.28
CA LEU A 195 11.64 -20.83 9.62
C LEU A 195 12.37 -21.68 8.58
N GLY A 196 11.68 -22.66 7.99
CA GLY A 196 12.22 -23.41 6.87
C GLY A 196 12.47 -22.55 5.63
N MET A 197 11.52 -21.69 5.26
CA MET A 197 11.64 -20.76 4.13
C MET A 197 12.81 -19.80 4.38
N LEU A 198 13.05 -19.31 5.60
CA LEU A 198 14.22 -18.50 5.91
C LEU A 198 15.50 -19.34 5.82
N ALA A 199 15.52 -20.58 6.32
CA ALA A 199 16.69 -21.43 6.12
C ALA A 199 16.97 -21.63 4.62
N GLY A 200 15.93 -21.83 3.80
CA GLY A 200 16.06 -21.92 2.35
C GLY A 200 16.70 -20.67 1.73
N ALA A 201 16.26 -19.49 2.10
CA ALA A 201 16.85 -18.24 1.65
C ALA A 201 18.30 -18.15 2.14
N VAL A 202 18.62 -18.45 3.40
CA VAL A 202 19.99 -18.35 3.88
C VAL A 202 20.90 -19.33 3.15
N VAL A 203 20.42 -20.53 2.80
CA VAL A 203 21.17 -21.44 1.94
C VAL A 203 21.43 -20.83 0.56
N ILE A 204 20.41 -20.30 -0.15
CA ILE A 204 20.62 -19.75 -1.48
C ILE A 204 21.65 -18.62 -1.42
N ILE A 205 21.57 -17.75 -0.42
CA ILE A 205 22.49 -16.63 -0.31
C ILE A 205 23.93 -17.07 -0.04
N VAL A 206 24.16 -18.27 0.53
CA VAL A 206 25.51 -18.84 0.66
C VAL A 206 25.95 -19.59 -0.60
N ARG A 207 25.03 -20.33 -1.25
CA ARG A 207 25.33 -21.12 -2.43
C ARG A 207 25.52 -20.27 -3.70
N ALA A 208 24.99 -19.04 -3.73
CA ALA A 208 25.11 -18.14 -4.88
C ALA A 208 26.55 -17.71 -5.15
N PRO A 209 26.98 -17.61 -6.45
CA PRO A 209 28.31 -17.11 -6.80
C PRO A 209 28.55 -15.71 -6.26
N ARG A 210 29.59 -15.54 -5.40
CA ARG A 210 29.89 -14.23 -4.84
C ARG A 210 30.48 -13.30 -5.90
N CYS A 211 30.27 -11.99 -5.65
CA CYS A 211 30.48 -10.93 -6.61
C CYS A 211 31.97 -10.81 -6.99
N ARG A 212 32.24 -10.46 -8.27
CA ARG A 212 33.61 -10.19 -8.72
C ARG A 212 34.16 -9.00 -7.94
N GLU A 213 35.40 -9.07 -7.44
CA GLU A 213 36.01 -7.90 -6.79
C GLU A 213 36.37 -6.78 -7.80
N LEU A 214 36.50 -5.53 -7.30
CA LEU A 214 36.92 -4.40 -8.13
C LEU A 214 38.29 -3.86 -7.66
N VAL B 44 -17.14 -7.89 20.74
CA VAL B 44 -16.23 -8.62 19.80
C VAL B 44 -15.64 -7.69 18.74
N THR B 45 -16.34 -6.63 18.33
CA THR B 45 -15.89 -5.72 17.27
C THR B 45 -14.58 -4.99 17.64
N LEU B 46 -13.79 -4.63 16.59
CA LEU B 46 -12.43 -4.05 16.69
C LEU B 46 -12.37 -2.86 17.62
N GLN B 47 -11.43 -2.89 18.59
CA GLN B 47 -11.20 -1.74 19.46
C GLN B 47 -10.54 -0.57 18.71
N ARG B 48 -10.99 0.67 19.00
CA ARG B 48 -10.29 1.87 18.60
C ARG B 48 -9.00 2.00 19.43
N ASN B 49 -7.82 2.09 18.77
CA ASN B 49 -6.57 2.33 19.49
C ASN B 49 -5.50 3.07 18.69
N ILE B 50 -5.79 3.51 17.45
CA ILE B 50 -4.84 4.31 16.68
C ILE B 50 -4.90 5.76 17.18
N THR B 51 -3.79 6.22 17.77
CA THR B 51 -3.63 7.60 18.24
C THR B 51 -3.36 8.54 17.08
N LEU B 52 -3.23 9.86 17.32
CA LEU B 52 -2.70 10.75 16.29
C LEU B 52 -1.32 10.29 15.83
N LEU B 53 -0.41 10.00 16.78
CA LEU B 53 0.96 9.68 16.43
C LEU B 53 1.02 8.38 15.64
N ASN B 54 0.25 7.36 15.99
CA ASN B 54 0.22 6.11 15.22
C ASN B 54 -0.47 6.30 13.86
N GLY B 55 -1.38 7.25 13.71
CA GLY B 55 -1.92 7.58 12.41
C GLY B 55 -0.93 8.33 11.56
N VAL B 56 -0.17 9.29 12.12
CA VAL B 56 0.93 9.90 11.39
C VAL B 56 1.95 8.84 10.98
N ALA B 57 2.28 7.91 11.87
CA ALA B 57 3.17 6.81 11.53
C ALA B 57 2.57 5.95 10.42
N ILE B 58 1.26 5.74 10.34
CA ILE B 58 0.66 5.01 9.23
C ILE B 58 0.90 5.79 7.96
N ILE B 59 0.63 7.11 7.91
CA ILE B 59 0.74 7.80 6.64
C ILE B 59 2.22 8.00 6.27
N VAL B 60 3.03 8.63 7.10
CA VAL B 60 4.43 8.87 6.73
C VAL B 60 5.15 7.53 6.60
N GLY B 61 4.88 6.56 7.44
CA GLY B 61 5.40 5.20 7.28
C GLY B 61 5.00 4.52 5.97
N THR B 62 3.73 4.56 5.58
CA THR B 62 3.26 3.86 4.39
C THR B 62 3.54 4.62 3.09
N ILE B 63 3.62 5.96 3.10
CA ILE B 63 3.97 6.73 1.90
C ILE B 63 5.46 6.63 1.64
N ILE B 64 6.30 6.99 2.62
CA ILE B 64 7.71 7.26 2.37
C ILE B 64 8.35 6.04 1.70
N GLY B 65 8.05 4.83 2.21
CA GLY B 65 8.10 3.62 1.40
C GLY B 65 9.37 3.37 0.57
N SER B 66 9.18 2.95 -0.70
CA SER B 66 10.24 2.62 -1.64
C SER B 66 10.47 3.72 -2.67
N GLY B 67 9.43 4.50 -2.99
CA GLY B 67 9.45 5.35 -4.17
C GLY B 67 10.62 6.33 -4.20
N ILE B 68 11.00 6.90 -3.04
CA ILE B 68 12.11 7.85 -2.99
C ILE B 68 13.51 7.21 -3.12
N PHE B 69 13.57 5.86 -3.17
CA PHE B 69 14.82 5.15 -3.38
C PHE B 69 14.84 4.43 -4.74
N VAL B 70 13.71 3.83 -5.16
CA VAL B 70 13.65 3.01 -6.37
C VAL B 70 13.22 3.82 -7.61
N THR B 71 12.61 5.01 -7.45
CA THR B 71 12.01 5.77 -8.54
C THR B 71 12.61 7.17 -8.81
N PRO B 72 13.60 7.78 -8.09
CA PRO B 72 14.24 9.03 -8.54
C PRO B 72 14.80 9.04 -9.97
N THR B 73 15.30 7.91 -10.49
CA THR B 73 15.64 7.76 -11.90
C THR B 73 14.43 7.90 -12.83
N GLY B 74 13.28 7.39 -12.38
CA GLY B 74 12.09 7.21 -13.19
C GLY B 74 11.54 8.55 -13.68
N VAL B 75 11.52 9.56 -12.80
CA VAL B 75 11.07 10.87 -13.25
C VAL B 75 12.12 11.49 -14.17
N LEU B 76 13.41 11.37 -13.84
CA LEU B 76 14.48 12.03 -14.61
C LEU B 76 14.60 11.50 -16.04
N LYS B 77 14.36 10.21 -16.26
CA LYS B 77 14.32 9.62 -17.60
C LYS B 77 13.21 10.18 -18.49
N GLU B 78 12.10 10.68 -17.90
CA GLU B 78 11.01 11.31 -18.65
C GLU B 78 11.14 12.85 -18.67
N ALA B 79 11.61 13.45 -17.57
CA ALA B 79 11.74 14.89 -17.42
C ALA B 79 13.04 15.44 -18.02
N GLY B 80 14.05 14.60 -18.25
CA GLY B 80 15.24 14.98 -19.02
C GLY B 80 16.28 15.77 -18.23
N SER B 81 15.85 16.67 -17.30
CA SER B 81 16.81 17.52 -16.58
C SER B 81 16.44 17.77 -15.14
N PRO B 82 17.42 18.05 -14.23
CA PRO B 82 17.14 18.24 -12.80
C PRO B 82 16.12 19.36 -12.55
N GLY B 83 16.13 20.41 -13.35
CA GLY B 83 15.20 21.52 -13.14
C GLY B 83 13.72 21.19 -13.34
N LEU B 84 13.39 20.25 -14.23
CA LEU B 84 12.02 19.76 -14.39
C LEU B 84 11.80 18.55 -13.48
N ALA B 85 12.79 17.66 -13.32
CA ALA B 85 12.66 16.49 -12.46
C ALA B 85 12.35 16.92 -11.01
N LEU B 86 13.14 17.84 -10.44
CA LEU B 86 12.93 18.31 -9.09
C LEU B 86 11.61 19.10 -8.99
N VAL B 87 11.07 19.61 -10.12
CA VAL B 87 9.76 20.26 -10.16
C VAL B 87 8.62 19.24 -10.15
N VAL B 88 8.66 18.15 -10.91
CA VAL B 88 7.57 17.16 -10.82
C VAL B 88 7.50 16.50 -9.43
N TRP B 89 8.61 16.39 -8.70
CA TRP B 89 8.60 15.97 -7.31
C TRP B 89 7.80 16.90 -6.41
N ALA B 90 7.87 18.22 -6.65
CA ALA B 90 7.06 19.17 -5.91
C ALA B 90 5.61 19.15 -6.43
N ALA B 91 5.38 19.11 -7.75
CA ALA B 91 4.06 19.11 -8.34
C ALA B 91 3.22 17.93 -7.88
N CYS B 92 3.77 16.71 -7.86
CA CYS B 92 3.10 15.54 -7.31
C CYS B 92 2.79 15.72 -5.84
N GLY B 93 3.68 16.42 -5.09
CA GLY B 93 3.42 16.78 -3.71
C GLY B 93 2.16 17.64 -3.59
N VAL B 94 2.03 18.69 -4.41
CA VAL B 94 0.89 19.58 -4.39
C VAL B 94 -0.37 18.81 -4.77
N PHE B 95 -0.35 18.07 -5.86
CA PHE B 95 -1.54 17.32 -6.25
C PHE B 95 -1.97 16.34 -5.15
N SER B 96 -1.00 15.70 -4.48
CA SER B 96 -1.26 14.86 -3.32
C SER B 96 -1.85 15.67 -2.17
N ILE B 97 -1.27 16.81 -1.79
CA ILE B 97 -1.79 17.63 -0.70
C ILE B 97 -3.24 18.05 -0.93
N VAL B 98 -3.58 18.58 -2.11
CA VAL B 98 -4.96 18.99 -2.34
C VAL B 98 -5.91 17.79 -2.43
N GLY B 99 -5.48 16.67 -2.98
CA GLY B 99 -6.24 15.43 -2.93
C GLY B 99 -6.43 14.87 -1.53
N ALA B 100 -5.40 14.98 -0.68
CA ALA B 100 -5.44 14.45 0.67
C ALA B 100 -6.34 15.30 1.59
N LEU B 101 -6.21 16.62 1.52
CA LEU B 101 -7.18 17.48 2.19
C LEU B 101 -8.60 17.20 1.69
N CYS B 102 -8.78 16.98 0.40
CA CYS B 102 -10.07 16.62 -0.11
C CYS B 102 -10.57 15.33 0.53
N TYR B 103 -9.69 14.38 0.77
CA TYR B 103 -10.00 13.16 1.52
C TYR B 103 -10.27 13.41 3.01
N ALA B 104 -9.72 14.46 3.61
CA ALA B 104 -10.08 14.84 4.98
C ALA B 104 -11.53 15.37 5.08
N GLU B 105 -11.99 16.16 4.10
CA GLU B 105 -13.38 16.57 4.01
C GLU B 105 -14.28 15.34 3.85
N LEU B 106 -13.98 14.51 2.86
CA LEU B 106 -14.81 13.34 2.53
C LEU B 106 -14.84 12.32 3.68
N GLY B 107 -13.70 12.14 4.34
CA GLY B 107 -13.60 11.21 5.43
C GLY B 107 -14.31 11.66 6.72
N THR B 108 -14.15 12.91 7.12
CA THR B 108 -14.89 13.41 8.27
C THR B 108 -16.39 13.57 7.96
N THR B 109 -16.78 13.72 6.68
CA THR B 109 -18.18 13.69 6.29
C THR B 109 -18.81 12.33 6.59
N ILE B 110 -18.26 11.24 6.00
CA ILE B 110 -18.96 9.95 5.94
C ILE B 110 -18.54 9.07 7.12
N SER B 111 -17.27 9.12 7.54
CA SER B 111 -16.74 8.49 8.78
C SER B 111 -16.86 6.95 8.87
N LYS B 112 -17.33 6.24 7.84
CA LYS B 112 -17.07 4.81 7.71
C LYS B 112 -15.57 4.56 7.44
N SER B 113 -15.09 3.39 7.88
CA SER B 113 -13.83 2.81 7.42
C SER B 113 -14.05 2.21 6.03
N GLY B 114 -13.00 1.66 5.42
CA GLY B 114 -13.06 1.25 4.03
C GLY B 114 -12.95 2.39 3.01
N GLY B 115 -12.67 3.61 3.46
CA GLY B 115 -12.07 4.65 2.64
C GLY B 115 -12.75 4.89 1.29
N ASP B 116 -11.96 4.96 0.23
CA ASP B 116 -12.39 5.21 -1.13
C ASP B 116 -13.58 4.33 -1.51
N TYR B 117 -13.48 3.00 -1.26
CA TYR B 117 -14.58 2.05 -1.50
C TYR B 117 -15.88 2.41 -0.76
N ALA B 118 -15.81 2.71 0.55
CA ALA B 118 -16.98 3.10 1.31
C ALA B 118 -17.59 4.40 0.79
N TYR B 119 -16.76 5.42 0.53
CA TYR B 119 -17.21 6.70 0.05
C TYR B 119 -17.81 6.59 -1.35
N MET B 120 -17.32 5.66 -2.17
CA MET B 120 -17.90 5.39 -3.46
C MET B 120 -19.26 4.70 -3.28
N LEU B 121 -19.41 3.75 -2.34
CA LEU B 121 -20.69 3.07 -2.17
C LEU B 121 -21.81 4.05 -1.76
N GLU B 122 -21.51 5.02 -0.89
CA GLU B 122 -22.47 6.04 -0.46
C GLU B 122 -22.89 7.01 -1.56
N VAL B 123 -22.24 6.99 -2.75
CA VAL B 123 -22.53 7.93 -3.84
C VAL B 123 -22.94 7.20 -5.13
N TYR B 124 -22.16 6.21 -5.54
CA TYR B 124 -22.38 5.51 -6.81
C TYR B 124 -23.12 4.18 -6.65
N GLY B 125 -23.32 3.68 -5.42
CA GLY B 125 -24.07 2.45 -5.19
C GLY B 125 -23.30 1.16 -5.48
N SER B 126 -24.02 0.04 -5.51
CA SER B 126 -23.47 -1.30 -5.31
C SER B 126 -22.48 -1.69 -6.41
N LEU B 127 -22.87 -1.68 -7.69
CA LEU B 127 -21.99 -2.22 -8.73
C LEU B 127 -20.73 -1.38 -8.86
N PRO B 128 -20.76 -0.02 -8.97
CA PRO B 128 -19.53 0.77 -9.00
C PRO B 128 -18.56 0.51 -7.84
N ALA B 129 -19.09 0.45 -6.63
CA ALA B 129 -18.27 0.14 -5.47
C ALA B 129 -17.69 -1.27 -5.54
N PHE B 130 -18.45 -2.28 -6.02
CA PHE B 130 -17.88 -3.62 -6.12
C PHE B 130 -16.76 -3.62 -7.15
N LEU B 131 -16.92 -3.00 -8.34
CA LEU B 131 -15.85 -3.02 -9.33
C LEU B 131 -14.61 -2.37 -8.75
N LYS B 132 -14.78 -1.24 -8.03
CA LYS B 132 -13.68 -0.59 -7.32
C LYS B 132 -12.97 -1.57 -6.41
N LEU B 133 -13.71 -2.32 -5.60
CA LEU B 133 -13.07 -3.23 -4.67
C LEU B 133 -12.47 -4.44 -5.41
N TRP B 134 -13.09 -4.96 -6.47
CA TRP B 134 -12.57 -6.08 -7.21
C TRP B 134 -11.21 -5.78 -7.85
N ILE B 135 -10.99 -4.56 -8.37
CA ILE B 135 -9.69 -4.11 -8.83
C ILE B 135 -8.71 -4.13 -7.65
N GLU B 136 -9.08 -3.65 -6.46
CA GLU B 136 -8.15 -3.66 -5.32
C GLU B 136 -7.90 -5.05 -4.71
N LEU B 137 -8.85 -5.95 -4.83
CA LEU B 137 -8.74 -7.31 -4.37
C LEU B 137 -7.79 -8.08 -5.28
N LEU B 138 -7.91 -7.90 -6.62
CA LEU B 138 -7.11 -8.68 -7.55
C LEU B 138 -5.75 -8.06 -7.81
N ILE B 139 -5.62 -6.73 -7.89
CA ILE B 139 -4.40 -6.17 -8.44
C ILE B 139 -3.80 -5.06 -7.57
N ILE B 140 -4.51 -4.02 -7.15
CA ILE B 140 -3.83 -2.88 -6.56
C ILE B 140 -3.11 -3.24 -5.23
N ARG B 141 -3.78 -3.79 -4.23
CA ARG B 141 -3.18 -3.95 -2.92
C ARG B 141 -2.29 -5.20 -2.89
N PRO B 142 -2.58 -6.31 -3.58
CA PRO B 142 -1.58 -7.35 -3.77
C PRO B 142 -0.31 -6.87 -4.49
N SER B 143 -0.43 -6.32 -5.71
CA SER B 143 0.75 -5.98 -6.45
C SER B 143 1.60 -4.91 -5.74
N SER B 144 1.04 -3.80 -5.25
CA SER B 144 1.85 -2.81 -4.50
C SER B 144 2.56 -3.38 -3.26
N GLN B 145 1.93 -4.29 -2.52
CA GLN B 145 2.59 -4.98 -1.42
C GLN B 145 3.74 -5.84 -1.92
N TYR B 146 3.57 -6.56 -3.03
CA TYR B 146 4.67 -7.40 -3.52
C TYR B 146 5.79 -6.59 -4.12
N ILE B 147 5.44 -5.46 -4.73
CA ILE B 147 6.42 -4.49 -5.18
C ILE B 147 7.27 -3.93 -4.03
N VAL B 148 6.70 -3.44 -2.95
CA VAL B 148 7.57 -2.94 -1.88
C VAL B 148 8.24 -4.09 -1.13
N ALA B 149 7.71 -5.30 -1.18
CA ALA B 149 8.41 -6.44 -0.58
C ALA B 149 9.63 -6.83 -1.39
N LEU B 150 9.57 -6.80 -2.73
CA LEU B 150 10.74 -7.14 -3.55
C LEU B 150 11.83 -6.12 -3.37
N VAL B 151 11.45 -4.85 -3.23
CA VAL B 151 12.45 -3.82 -2.95
C VAL B 151 13.07 -4.03 -1.55
N PHE B 152 12.29 -4.42 -0.55
CA PHE B 152 12.88 -4.75 0.74
C PHE B 152 13.93 -5.82 0.57
N ALA B 153 13.58 -6.94 -0.07
CA ALA B 153 14.52 -8.04 -0.23
C ALA B 153 15.77 -7.61 -1.01
N THR B 154 15.59 -6.95 -2.14
CA THR B 154 16.69 -6.52 -2.95
C THR B 154 17.64 -5.60 -2.18
N TYR B 155 17.16 -4.51 -1.58
CA TYR B 155 18.08 -3.56 -0.98
C TYR B 155 18.66 -4.12 0.33
N LEU B 156 17.96 -5.00 1.05
CA LEU B 156 18.48 -5.59 2.27
C LEU B 156 19.62 -6.54 1.94
N LEU B 157 19.50 -7.30 0.85
CA LEU B 157 20.55 -8.24 0.47
C LEU B 157 21.70 -7.57 -0.28
N LYS B 158 21.53 -6.38 -0.84
CA LYS B 158 22.52 -5.72 -1.71
C LYS B 158 23.93 -5.67 -1.15
N PRO B 159 24.22 -5.40 0.15
CA PRO B 159 25.60 -5.45 0.65
C PRO B 159 26.28 -6.84 0.67
N LEU B 160 25.56 -7.93 0.39
CA LEU B 160 26.20 -9.22 0.09
C LEU B 160 26.57 -9.41 -1.39
N PHE B 161 26.04 -8.54 -2.29
CA PHE B 161 26.24 -8.64 -3.72
C PHE B 161 26.39 -7.25 -4.34
N PRO B 162 27.37 -6.42 -3.94
CA PRO B 162 27.53 -5.12 -4.58
C PRO B 162 28.10 -5.36 -5.98
N THR B 163 27.57 -4.65 -6.99
CA THR B 163 28.10 -4.60 -8.36
C THR B 163 27.90 -5.92 -9.11
N CYS B 164 26.88 -6.68 -8.71
CA CYS B 164 26.25 -7.71 -9.54
C CYS B 164 24.78 -7.88 -9.17
N PRO B 165 23.93 -8.52 -10.02
CA PRO B 165 22.56 -8.82 -9.62
C PRO B 165 22.49 -9.70 -8.38
N VAL B 166 21.55 -9.36 -7.50
CA VAL B 166 21.21 -10.15 -6.32
C VAL B 166 20.44 -11.41 -6.75
N PRO B 167 20.70 -12.61 -6.17
CA PRO B 167 20.10 -13.85 -6.72
C PRO B 167 18.58 -13.85 -6.70
N GLU B 168 17.96 -13.97 -7.88
CA GLU B 168 16.52 -13.71 -8.05
C GLU B 168 15.64 -14.54 -7.11
N GLU B 169 15.95 -15.83 -6.91
CA GLU B 169 15.16 -16.70 -6.07
C GLU B 169 15.28 -16.30 -4.59
N ALA B 170 16.44 -15.84 -4.14
CA ALA B 170 16.58 -15.31 -2.78
C ALA B 170 15.83 -13.99 -2.63
N ALA B 171 15.81 -13.16 -3.65
CA ALA B 171 15.02 -11.95 -3.62
C ALA B 171 13.52 -12.27 -3.59
N LYS B 172 13.02 -13.32 -4.25
CA LYS B 172 11.64 -13.73 -4.07
C LYS B 172 11.39 -14.31 -2.67
N LEU B 173 12.20 -15.19 -2.15
CA LEU B 173 11.93 -15.73 -0.83
C LEU B 173 11.96 -14.63 0.22
N VAL B 174 12.96 -13.74 0.24
CA VAL B 174 12.99 -12.74 1.28
C VAL B 174 11.85 -11.73 1.09
N ALA B 175 11.29 -11.59 -0.11
CA ALA B 175 10.07 -10.80 -0.28
C ALA B 175 8.92 -11.49 0.39
N CYS B 176 8.79 -12.81 0.23
CA CYS B 176 7.75 -13.61 0.89
C CYS B 176 7.90 -13.70 2.41
N LEU B 177 9.11 -13.89 2.92
CA LEU B 177 9.36 -13.89 4.35
C LEU B 177 8.91 -12.61 5.05
N CYS B 178 9.08 -11.46 4.39
CA CYS B 178 8.63 -10.18 4.88
C CYS B 178 7.10 -10.14 4.98
N VAL B 179 6.40 -10.44 3.91
CA VAL B 179 4.95 -10.44 3.91
C VAL B 179 4.40 -11.43 4.95
N LEU B 180 4.94 -12.63 5.07
CA LEU B 180 4.46 -13.59 6.05
C LEU B 180 4.67 -13.09 7.47
N LEU B 181 5.85 -12.62 7.82
CA LEU B 181 6.13 -12.23 9.19
C LEU B 181 5.27 -11.01 9.56
N LEU B 182 5.10 -10.03 8.68
CA LEU B 182 4.23 -8.91 8.98
C LEU B 182 2.72 -9.27 8.98
N THR B 183 2.28 -10.28 8.25
CA THR B 183 0.95 -10.81 8.45
C THR B 183 0.82 -11.44 9.84
N ALA B 184 1.76 -12.25 10.27
CA ALA B 184 1.70 -12.84 11.60
C ALA B 184 1.72 -11.76 12.70
N VAL B 185 2.61 -10.77 12.66
CA VAL B 185 2.62 -9.66 13.61
C VAL B 185 1.27 -8.94 13.60
N ASN B 186 0.71 -8.64 12.42
CA ASN B 186 -0.52 -7.89 12.31
C ASN B 186 -1.71 -8.74 12.82
N CYS B 187 -1.65 -10.08 12.76
CA CYS B 187 -2.64 -10.94 13.39
C CYS B 187 -2.55 -11.06 14.92
N TYR B 188 -1.38 -10.91 15.52
CA TYR B 188 -1.25 -11.10 16.96
C TYR B 188 -1.73 -9.88 17.74
N SER B 189 -1.57 -8.64 17.27
CA SER B 189 -1.94 -7.49 18.07
C SER B 189 -1.81 -6.19 17.33
N VAL B 190 -2.87 -5.36 17.34
CA VAL B 190 -2.74 -4.03 16.73
C VAL B 190 -1.74 -3.13 17.51
N LYS B 191 -1.60 -3.34 18.82
CA LYS B 191 -0.56 -2.66 19.60
C LYS B 191 0.84 -3.23 19.35
N ALA B 192 0.99 -4.37 18.66
CA ALA B 192 2.24 -4.75 18.02
C ALA B 192 2.39 -4.00 16.71
N ALA B 193 1.44 -4.15 15.79
CA ALA B 193 1.59 -3.61 14.44
C ALA B 193 1.73 -2.08 14.40
N THR B 194 1.03 -1.33 15.26
CA THR B 194 1.26 0.11 15.36
C THR B 194 2.63 0.48 15.96
N ARG B 195 3.12 -0.26 16.96
CA ARG B 195 4.46 0.00 17.46
C ARG B 195 5.49 -0.32 16.37
N VAL B 196 5.31 -1.39 15.60
CA VAL B 196 6.16 -1.68 14.45
C VAL B 196 6.12 -0.56 13.41
N GLN B 197 4.95 0.00 13.15
CA GLN B 197 4.81 1.14 12.26
C GLN B 197 5.55 2.36 12.79
N ASP B 198 5.42 2.68 14.09
CA ASP B 198 6.15 3.79 14.71
C ASP B 198 7.66 3.57 14.55
N ALA B 199 8.12 2.38 14.91
CA ALA B 199 9.53 2.02 14.86
C ALA B 199 10.13 2.28 13.47
N PHE B 200 9.50 1.75 12.43
CA PHE B 200 10.05 1.89 11.09
C PHE B 200 9.70 3.22 10.42
N ALA B 201 8.66 3.93 10.83
CA ALA B 201 8.44 5.30 10.37
C ALA B 201 9.55 6.20 10.89
N ALA B 202 10.03 5.98 12.14
CA ALA B 202 11.16 6.72 12.69
C ALA B 202 12.43 6.38 11.91
N ALA B 203 12.71 5.08 11.71
CA ALA B 203 13.94 4.62 11.09
C ALA B 203 14.14 5.25 9.70
N LYS B 204 13.14 5.17 8.84
CA LYS B 204 13.29 5.73 7.50
C LYS B 204 13.45 7.26 7.48
N LEU B 205 12.84 8.00 8.40
CA LEU B 205 13.07 9.44 8.46
C LEU B 205 14.48 9.77 8.94
N LEU B 206 15.07 8.99 9.86
CA LEU B 206 16.49 9.13 10.17
C LEU B 206 17.37 8.89 8.94
N ALA B 207 17.08 7.83 8.17
CA ALA B 207 17.82 7.56 6.94
C ALA B 207 17.70 8.70 5.93
N LEU B 208 16.48 9.22 5.71
CA LEU B 208 16.28 10.34 4.80
C LEU B 208 16.94 11.60 5.34
N ALA B 209 16.98 11.78 6.67
CA ALA B 209 17.75 12.87 7.26
C ALA B 209 19.24 12.75 6.91
N LEU B 210 19.85 11.54 7.01
CA LEU B 210 21.26 11.34 6.61
C LEU B 210 21.47 11.72 5.15
N ILE B 211 20.59 11.27 4.25
CA ILE B 211 20.72 11.56 2.84
C ILE B 211 20.61 13.08 2.59
N ILE B 212 19.62 13.75 3.17
CA ILE B 212 19.50 15.20 3.01
C ILE B 212 20.71 15.91 3.61
N LEU B 213 21.14 15.50 4.81
CA LEU B 213 22.28 16.10 5.50
C LEU B 213 23.55 16.00 4.67
N LEU B 214 23.86 14.82 4.09
CA LEU B 214 25.03 14.66 3.24
C LEU B 214 24.91 15.52 1.98
N GLY B 215 23.69 15.73 1.46
CA GLY B 215 23.43 16.73 0.43
C GLY B 215 23.79 18.17 0.86
N PHE B 216 23.33 18.58 2.06
CA PHE B 216 23.65 19.88 2.62
C PHE B 216 25.15 20.05 2.88
N VAL B 217 25.83 19.02 3.41
CA VAL B 217 27.29 19.00 3.60
C VAL B 217 28.00 19.24 2.26
N GLN B 218 27.60 18.52 1.21
CA GLN B 218 28.23 18.62 -0.09
C GLN B 218 28.03 20.00 -0.75
N ILE B 219 26.80 20.54 -0.82
CA ILE B 219 26.59 21.84 -1.43
C ILE B 219 27.27 22.96 -0.60
N GLY B 220 27.46 22.76 0.73
CA GLY B 220 28.27 23.64 1.57
C GLY B 220 29.77 23.60 1.25
N LYS B 221 30.32 22.41 0.96
CA LYS B 221 31.71 22.23 0.54
C LYS B 221 31.98 22.73 -0.89
N GLY B 222 30.99 22.61 -1.80
CA GLY B 222 31.12 23.03 -3.19
C GLY B 222 32.08 22.17 -4.01
N PHE B 233 21.96 24.01 -17.82
CA PHE B 233 21.53 23.21 -16.65
C PHE B 233 20.25 22.39 -16.91
N GLU B 234 19.41 22.79 -17.89
CA GLU B 234 18.05 22.27 -18.02
C GLU B 234 17.69 21.83 -19.45
N GLY B 235 18.62 21.14 -20.16
CA GLY B 235 18.33 20.53 -21.46
C GLY B 235 17.21 19.49 -21.37
N THR B 236 15.98 19.82 -21.82
CA THR B 236 14.74 19.17 -21.41
C THR B 236 13.92 18.67 -22.60
N LYS B 237 13.51 17.38 -22.59
CA LYS B 237 12.61 16.80 -23.59
C LYS B 237 11.14 17.14 -23.24
N LEU B 238 10.80 18.43 -23.40
CA LEU B 238 9.48 18.96 -23.03
C LEU B 238 8.43 18.49 -24.06
N ASP B 239 7.50 17.63 -23.58
CA ASP B 239 6.40 17.11 -24.39
C ASP B 239 5.25 16.72 -23.46
N VAL B 240 4.04 17.26 -23.69
CA VAL B 240 2.85 16.89 -22.92
C VAL B 240 2.58 15.38 -23.03
N GLY B 241 2.92 14.74 -24.16
CA GLY B 241 2.86 13.29 -24.32
C GLY B 241 3.92 12.47 -23.58
N ASN B 242 4.85 13.11 -22.85
CA ASN B 242 5.96 12.45 -22.16
C ASN B 242 6.08 12.88 -20.69
N ILE B 243 5.93 14.19 -20.37
CA ILE B 243 5.95 14.71 -19.00
C ILE B 243 4.92 14.04 -18.09
N VAL B 244 3.79 13.61 -18.66
CA VAL B 244 2.78 12.82 -17.97
C VAL B 244 3.33 11.53 -17.38
N LEU B 245 4.27 10.86 -18.07
CA LEU B 245 4.90 9.66 -17.52
C LEU B 245 5.94 10.02 -16.45
N ALA B 246 6.49 11.25 -16.44
CA ALA B 246 7.22 11.76 -15.28
C ALA B 246 6.28 11.84 -14.08
N LEU B 247 5.12 12.49 -14.24
CA LEU B 247 4.12 12.63 -13.19
C LEU B 247 3.63 11.25 -12.72
N TYR B 248 3.22 10.33 -13.60
CA TYR B 248 2.82 8.98 -13.20
C TYR B 248 3.94 8.22 -12.46
N SER B 249 5.22 8.51 -12.76
CA SER B 249 6.35 7.95 -12.02
C SER B 249 6.44 8.60 -10.64
N GLY B 250 6.32 9.93 -10.55
CA GLY B 250 6.37 10.66 -9.30
C GLY B 250 5.22 10.28 -8.36
N LEU B 251 3.99 10.28 -8.84
CA LEU B 251 2.84 10.03 -7.98
C LEU B 251 2.92 8.64 -7.33
N PHE B 252 3.49 7.60 -7.99
CA PHE B 252 3.63 6.29 -7.39
C PHE B 252 4.37 6.40 -6.06
N ALA B 253 5.29 7.36 -5.93
CA ALA B 253 6.07 7.54 -4.71
C ALA B 253 5.27 8.26 -3.62
N TYR B 254 4.23 9.01 -3.99
CA TYR B 254 3.29 9.58 -3.03
C TYR B 254 2.07 8.72 -2.76
N GLY B 255 1.91 7.58 -3.40
CA GLY B 255 0.71 6.77 -3.25
C GLY B 255 0.61 6.30 -1.81
N GLY B 256 -0.55 6.56 -1.19
CA GLY B 256 -0.77 6.21 0.21
C GLY B 256 -1.43 7.32 1.04
N TRP B 257 -1.63 8.54 0.53
CA TRP B 257 -2.32 9.56 1.31
C TRP B 257 -3.76 9.13 1.66
N ASN B 258 -4.37 8.28 0.80
CA ASN B 258 -5.70 7.75 1.06
C ASN B 258 -5.69 6.59 2.04
N TYR B 259 -4.55 6.12 2.53
CA TYR B 259 -4.53 4.89 3.31
C TYR B 259 -5.11 5.06 4.71
N LEU B 260 -4.94 6.23 5.38
CA LEU B 260 -5.54 6.41 6.71
C LEU B 260 -7.07 6.43 6.69
N ASN B 261 -7.67 6.79 5.56
CA ASN B 261 -9.11 6.65 5.36
C ASN B 261 -9.64 5.20 5.41
N PHE B 262 -8.79 4.15 5.38
CA PHE B 262 -9.27 2.80 5.62
C PHE B 262 -9.36 2.45 7.10
N VAL B 263 -8.85 3.27 8.05
CA VAL B 263 -8.90 2.93 9.47
C VAL B 263 -9.63 3.96 10.37
N THR B 264 -10.57 4.72 9.82
CA THR B 264 -11.31 5.74 10.55
C THR B 264 -12.15 5.16 11.69
N GLU B 265 -12.65 3.92 11.54
CA GLU B 265 -13.39 3.22 12.60
C GLU B 265 -12.45 2.55 13.61
N GLU B 266 -11.14 2.88 13.58
CA GLU B 266 -10.15 2.29 14.47
C GLU B 266 -9.26 3.37 15.14
N MET B 267 -9.33 4.64 14.72
CA MET B 267 -8.73 5.77 15.45
C MET B 267 -9.52 6.19 16.68
N ILE B 268 -8.83 6.72 17.71
CA ILE B 268 -9.47 6.99 19.00
C ILE B 268 -10.39 8.22 18.98
N ASN B 269 -10.17 9.15 18.02
CA ASN B 269 -10.98 10.37 17.93
C ASN B 269 -10.96 10.86 16.48
N PRO B 270 -11.77 10.27 15.57
CA PRO B 270 -11.57 10.48 14.14
C PRO B 270 -11.76 11.92 13.69
N TYR B 271 -12.71 12.67 14.28
CA TYR B 271 -13.02 14.01 13.78
C TYR B 271 -11.86 14.99 13.99
N ARG B 272 -10.99 14.75 14.98
CA ARG B 272 -9.74 15.46 15.13
C ARG B 272 -8.62 14.74 14.35
N ASN B 273 -8.40 13.45 14.60
CA ASN B 273 -7.14 12.80 14.26
C ASN B 273 -7.06 12.41 12.78
N LEU B 274 -8.14 12.13 12.08
CA LEU B 274 -8.05 11.88 10.64
C LEU B 274 -7.59 13.12 9.87
N PRO B 275 -8.26 14.30 9.93
CA PRO B 275 -7.83 15.45 9.17
C PRO B 275 -6.51 16.01 9.67
N LEU B 276 -6.22 15.90 10.98
CA LEU B 276 -4.94 16.34 11.50
C LEU B 276 -3.80 15.43 11.00
N ALA B 277 -3.94 14.11 11.01
CA ALA B 277 -2.89 13.20 10.56
C ALA B 277 -2.57 13.40 9.08
N ILE B 278 -3.60 13.62 8.24
CA ILE B 278 -3.38 13.99 6.84
C ILE B 278 -2.51 15.24 6.70
N ILE B 279 -2.91 16.37 7.30
CA ILE B 279 -2.27 17.64 7.01
C ILE B 279 -0.93 17.81 7.78
N ILE B 280 -0.70 17.10 8.88
CA ILE B 280 0.63 16.97 9.46
C ILE B 280 1.55 16.18 8.51
N SER B 281 1.04 15.07 7.98
CA SER B 281 1.85 14.12 7.23
C SER B 281 2.29 14.63 5.85
N LEU B 282 1.38 15.06 4.96
CA LEU B 282 1.79 15.22 3.57
C LEU B 282 2.75 16.40 3.29
N PRO B 283 2.67 17.55 3.98
CA PRO B 283 3.76 18.52 3.97
C PRO B 283 5.11 17.96 4.41
N ILE B 284 5.17 17.13 5.46
CA ILE B 284 6.43 16.47 5.83
C ILE B 284 6.97 15.62 4.67
N VAL B 285 6.14 14.76 4.08
CA VAL B 285 6.54 13.92 2.97
C VAL B 285 7.03 14.77 1.82
N THR B 286 6.30 15.80 1.39
CA THR B 286 6.70 16.62 0.24
C THR B 286 8.05 17.31 0.49
N LEU B 287 8.25 17.86 1.70
CA LEU B 287 9.51 18.48 2.06
C LEU B 287 10.66 17.45 1.99
N VAL B 288 10.50 16.28 2.62
CA VAL B 288 11.53 15.26 2.65
C VAL B 288 11.89 14.84 1.23
N TYR B 289 10.90 14.69 0.35
CA TYR B 289 11.12 14.26 -1.02
C TYR B 289 11.85 15.29 -1.87
N VAL B 290 11.52 16.59 -1.82
CA VAL B 290 12.25 17.54 -2.62
C VAL B 290 13.68 17.73 -2.09
N LEU B 291 13.86 17.77 -0.78
CA LEU B 291 15.22 17.82 -0.24
C LEU B 291 16.05 16.55 -0.54
N THR B 292 15.44 15.36 -0.55
CA THR B 292 16.15 14.14 -0.90
C THR B 292 16.58 14.13 -2.36
N ASN B 293 15.69 14.52 -3.27
CA ASN B 293 16.12 14.69 -4.66
C ASN B 293 17.22 15.74 -4.81
N LEU B 294 17.12 16.88 -4.13
CA LEU B 294 18.19 17.86 -4.11
C LEU B 294 19.52 17.19 -3.73
N ALA B 295 19.53 16.36 -2.68
CA ALA B 295 20.74 15.63 -2.29
C ALA B 295 21.27 14.76 -3.44
N TYR B 296 20.46 13.90 -4.05
CA TYR B 296 20.90 13.07 -5.17
C TYR B 296 21.51 13.90 -6.31
N PHE B 297 20.84 14.99 -6.71
CA PHE B 297 21.38 15.84 -7.77
C PHE B 297 22.61 16.67 -7.35
N THR B 298 22.92 16.87 -6.06
CA THR B 298 24.24 17.40 -5.70
C THR B 298 25.35 16.37 -5.91
N THR B 299 25.08 15.07 -5.71
CA THR B 299 26.11 14.03 -5.74
C THR B 299 26.37 13.46 -7.14
N LEU B 300 25.31 13.29 -7.95
CA LEU B 300 25.41 12.52 -9.18
C LEU B 300 25.10 13.38 -10.41
N SER B 301 25.76 13.06 -11.52
CA SER B 301 25.42 13.57 -12.85
C SER B 301 24.12 12.96 -13.36
N THR B 302 23.48 13.60 -14.35
CA THR B 302 22.28 13.05 -14.99
C THR B 302 22.55 11.68 -15.59
N GLU B 303 23.70 11.51 -16.29
CA GLU B 303 24.04 10.25 -16.95
C GLU B 303 24.25 9.11 -15.93
N GLN B 304 24.81 9.37 -14.73
CA GLN B 304 24.83 8.38 -13.67
C GLN B 304 23.43 7.98 -13.21
N MET B 305 22.58 8.95 -12.87
CA MET B 305 21.25 8.64 -12.36
C MET B 305 20.37 7.95 -13.42
N LEU B 306 20.57 8.25 -14.71
CA LEU B 306 19.82 7.62 -15.78
C LEU B 306 20.25 6.16 -16.03
N SER B 307 21.49 5.78 -15.63
CA SER B 307 22.09 4.51 -16.00
C SER B 307 22.36 3.56 -14.83
N SER B 308 22.31 4.08 -13.59
CA SER B 308 22.46 3.29 -12.36
C SER B 308 21.17 2.54 -11.99
N GLU B 309 21.32 1.36 -11.36
CA GLU B 309 20.22 0.49 -11.00
C GLU B 309 19.54 0.91 -9.69
N ALA B 310 20.25 1.69 -8.84
CA ALA B 310 19.83 1.90 -7.45
C ALA B 310 20.44 3.18 -6.87
N VAL B 311 19.76 4.32 -7.03
CA VAL B 311 20.38 5.63 -6.87
C VAL B 311 20.94 5.84 -5.47
N ALA B 312 20.20 5.37 -4.46
CA ALA B 312 20.65 5.51 -3.07
C ALA B 312 21.94 4.73 -2.79
N VAL B 313 22.20 3.61 -3.51
CA VAL B 313 23.42 2.84 -3.36
C VAL B 313 24.62 3.63 -3.90
N ASP B 314 24.48 4.28 -5.07
CA ASP B 314 25.52 5.14 -5.63
C ASP B 314 25.82 6.34 -4.73
N PHE B 315 24.77 6.95 -4.20
CA PHE B 315 24.90 8.00 -3.20
C PHE B 315 25.67 7.51 -1.95
N GLY B 316 25.31 6.35 -1.40
CA GLY B 316 26.02 5.74 -0.28
C GLY B 316 27.49 5.49 -0.59
N ASN B 317 27.77 4.84 -1.73
CA ASN B 317 29.13 4.54 -2.16
C ASN B 317 30.01 5.79 -2.19
N TYR B 318 29.47 6.89 -2.74
CA TYR B 318 30.24 8.13 -2.88
C TYR B 318 30.54 8.78 -1.53
N HIS B 319 29.56 8.83 -0.61
CA HIS B 319 29.72 9.60 0.63
C HIS B 319 30.36 8.81 1.77
N LEU B 320 30.21 7.48 1.82
CA LEU B 320 30.49 6.72 3.05
C LEU B 320 31.58 5.67 2.91
N GLY B 321 31.99 5.28 1.69
CA GLY B 321 33.10 4.37 1.49
C GLY B 321 32.98 3.05 2.26
N VAL B 322 33.89 2.81 3.21
CA VAL B 322 33.97 1.58 4.00
C VAL B 322 32.68 1.36 4.83
N MET B 323 31.96 2.46 5.15
CA MET B 323 30.72 2.40 5.92
C MET B 323 29.44 2.40 5.05
N SER B 324 29.53 2.21 3.73
CA SER B 324 28.39 2.45 2.81
C SER B 324 27.22 1.48 2.97
N TRP B 325 27.39 0.34 3.65
CA TRP B 325 26.31 -0.64 3.77
C TRP B 325 25.06 -0.11 4.52
N ILE B 326 25.20 0.99 5.29
CA ILE B 326 24.06 1.51 6.05
C ILE B 326 22.93 2.00 5.15
N ILE B 327 23.25 2.58 3.97
CA ILE B 327 22.21 3.14 3.13
C ILE B 327 21.35 2.02 2.51
N PRO B 328 21.88 0.98 1.86
CA PRO B 328 21.09 -0.17 1.46
C PRO B 328 20.20 -0.72 2.59
N VAL B 329 20.74 -0.95 3.80
CA VAL B 329 19.92 -1.52 4.85
C VAL B 329 18.75 -0.59 5.22
N PHE B 330 18.97 0.72 5.33
CA PHE B 330 17.85 1.61 5.59
C PHE B 330 16.83 1.68 4.45
N VAL B 331 17.20 1.57 3.16
CA VAL B 331 16.21 1.43 2.11
C VAL B 331 15.37 0.17 2.32
N GLY B 332 16.02 -0.89 2.77
CA GLY B 332 15.31 -2.10 3.18
C GLY B 332 14.30 -1.84 4.29
N LEU B 333 14.76 -1.32 5.43
CA LEU B 333 13.88 -1.02 6.54
C LEU B 333 12.78 -0.02 6.16
N SER B 334 13.02 0.88 5.20
CA SER B 334 11.99 1.78 4.72
C SER B 334 10.89 1.06 3.96
N CYS B 335 11.21 0.03 3.21
CA CYS B 335 10.20 -0.75 2.52
C CYS B 335 9.44 -1.62 3.51
N PHE B 336 10.12 -2.19 4.51
CA PHE B 336 9.51 -3.11 5.46
C PHE B 336 8.34 -2.47 6.18
N GLY B 337 8.53 -1.25 6.73
CA GLY B 337 7.48 -0.40 7.27
C GLY B 337 6.23 -0.16 6.41
N SER B 338 6.42 -0.09 5.11
CA SER B 338 5.32 0.09 4.17
C SER B 338 4.58 -1.23 3.91
N VAL B 339 5.25 -2.40 3.92
CA VAL B 339 4.55 -3.66 3.75
C VAL B 339 3.60 -3.77 4.93
N ASN B 340 4.04 -3.38 6.14
CA ASN B 340 3.20 -3.42 7.32
C ASN B 340 2.00 -2.48 7.16
N GLY B 341 2.25 -1.21 6.87
CA GLY B 341 1.19 -0.22 6.69
C GLY B 341 0.16 -0.59 5.61
N SER B 342 0.60 -1.24 4.54
CA SER B 342 -0.33 -1.72 3.57
C SER B 342 -1.05 -2.98 4.06
N LEU B 343 -0.41 -3.98 4.71
CA LEU B 343 -1.17 -5.13 5.23
C LEU B 343 -2.20 -4.69 6.26
N PHE B 344 -1.84 -3.72 7.10
CA PHE B 344 -2.75 -3.09 8.04
C PHE B 344 -3.96 -2.56 7.29
N THR B 345 -3.80 -1.59 6.42
CA THR B 345 -4.93 -0.89 5.85
C THR B 345 -5.63 -1.73 4.79
N SER B 346 -4.96 -2.68 4.14
CA SER B 346 -5.56 -3.55 3.13
C SER B 346 -6.51 -4.53 3.78
N SER B 347 -6.11 -5.16 4.87
CA SER B 347 -7.01 -6.07 5.57
C SER B 347 -8.31 -5.38 6.03
N ARG B 348 -8.23 -4.13 6.49
CA ARG B 348 -9.41 -3.42 6.92
C ARG B 348 -10.33 -3.13 5.74
N LEU B 349 -9.83 -2.82 4.53
CA LEU B 349 -10.68 -2.62 3.36
C LEU B 349 -11.54 -3.87 3.10
N PHE B 350 -10.94 -5.06 3.00
CA PHE B 350 -11.67 -6.27 2.68
C PHE B 350 -12.66 -6.62 3.78
N PHE B 351 -12.29 -6.39 5.04
CA PHE B 351 -13.17 -6.55 6.18
C PHE B 351 -14.43 -5.71 6.04
N VAL B 352 -14.29 -4.44 5.64
CA VAL B 352 -15.43 -3.58 5.33
C VAL B 352 -16.23 -4.09 4.11
N GLY B 353 -15.57 -4.48 3.05
CA GLY B 353 -16.25 -5.01 1.88
C GLY B 353 -17.04 -6.27 2.15
N SER B 354 -16.63 -7.06 3.15
CA SER B 354 -17.39 -8.22 3.58
C SER B 354 -18.55 -7.82 4.49
N ARG B 355 -18.32 -6.90 5.43
CA ARG B 355 -19.37 -6.36 6.29
C ARG B 355 -20.54 -5.82 5.46
N GLU B 356 -20.26 -5.05 4.42
CA GLU B 356 -21.29 -4.41 3.59
C GLU B 356 -21.59 -5.24 2.33
N GLY B 357 -21.39 -6.58 2.41
CA GLY B 357 -22.15 -7.55 1.63
C GLY B 357 -21.60 -7.87 0.25
N HIS B 358 -20.44 -7.30 -0.11
CA HIS B 358 -19.82 -7.48 -1.42
C HIS B 358 -18.86 -8.66 -1.46
N LEU B 359 -18.39 -9.14 -0.30
CA LEU B 359 -17.27 -10.07 -0.26
C LEU B 359 -17.53 -11.20 0.75
N PRO B 360 -17.24 -12.50 0.45
CA PRO B 360 -17.72 -13.65 1.22
C PRO B 360 -17.48 -13.59 2.73
N SER B 361 -18.44 -14.14 3.49
CA SER B 361 -18.77 -13.70 4.84
C SER B 361 -17.62 -13.87 5.84
N ILE B 362 -16.79 -14.89 5.62
CA ILE B 362 -15.70 -15.22 6.54
C ILE B 362 -14.75 -14.02 6.73
N LEU B 363 -14.55 -13.20 5.69
CA LEU B 363 -13.62 -12.06 5.78
C LEU B 363 -14.12 -10.96 6.74
N SER B 364 -15.41 -10.92 7.07
CA SER B 364 -15.92 -9.96 8.04
C SER B 364 -15.62 -10.37 9.49
N MET B 365 -15.18 -11.60 9.75
CA MET B 365 -15.13 -12.13 11.10
C MET B 365 -13.85 -11.68 11.82
N ILE B 366 -13.86 -11.84 13.15
CA ILE B 366 -12.79 -11.38 14.03
C ILE B 366 -12.40 -12.48 15.01
N HIS B 367 -11.13 -12.60 15.39
CA HIS B 367 -10.69 -13.54 16.42
C HIS B 367 -10.90 -12.93 17.80
N PRO B 368 -11.85 -13.44 18.63
CA PRO B 368 -12.35 -12.69 19.77
C PRO B 368 -11.39 -12.48 20.94
N GLN B 369 -10.35 -13.32 21.11
CA GLN B 369 -9.38 -13.08 22.18
C GLN B 369 -8.39 -11.94 21.85
N LEU B 370 -8.15 -11.61 20.57
CA LEU B 370 -7.15 -10.64 20.13
C LEU B 370 -7.73 -9.40 19.43
N LEU B 371 -8.98 -9.52 18.93
CA LEU B 371 -9.75 -8.51 18.20
C LEU B 371 -9.06 -8.11 16.87
N THR B 372 -8.40 -9.08 16.21
CA THR B 372 -7.75 -8.89 14.91
C THR B 372 -8.49 -9.61 13.80
N PRO B 373 -8.62 -9.00 12.60
CA PRO B 373 -9.42 -9.57 11.52
C PRO B 373 -8.74 -10.71 10.77
N VAL B 374 -8.38 -11.79 11.50
CA VAL B 374 -7.53 -12.89 11.03
C VAL B 374 -7.83 -13.43 9.64
N PRO B 375 -9.07 -13.73 9.24
CA PRO B 375 -9.31 -14.23 7.89
C PRO B 375 -8.99 -13.22 6.79
N SER B 376 -9.22 -11.92 7.03
CA SER B 376 -8.89 -10.89 6.06
C SER B 376 -7.36 -10.76 5.91
N LEU B 377 -6.62 -10.74 7.01
CA LEU B 377 -5.16 -10.71 6.93
C LEU B 377 -4.60 -11.94 6.21
N VAL B 378 -5.07 -13.14 6.52
CA VAL B 378 -4.61 -14.34 5.85
C VAL B 378 -4.96 -14.31 4.37
N PHE B 379 -6.08 -13.72 3.97
CA PHE B 379 -6.38 -13.58 2.57
C PHE B 379 -5.49 -12.56 1.89
N THR B 380 -5.35 -11.33 2.41
CA THR B 380 -4.55 -10.32 1.70
C THR B 380 -3.07 -10.75 1.61
N CYS B 381 -2.56 -11.42 2.63
CA CYS B 381 -1.28 -12.08 2.58
C CYS B 381 -1.20 -13.07 1.42
N VAL B 382 -2.00 -14.13 1.40
CA VAL B 382 -1.92 -15.13 0.35
C VAL B 382 -2.09 -14.47 -1.01
N MET B 383 -2.98 -13.50 -1.17
CA MET B 383 -3.20 -12.84 -2.43
C MET B 383 -1.93 -12.08 -2.86
N THR B 384 -1.12 -11.58 -1.91
CA THR B 384 0.15 -10.91 -2.23
C THR B 384 1.20 -11.91 -2.67
N LEU B 385 1.31 -13.07 -2.04
CA LEU B 385 2.34 -14.04 -2.40
C LEU B 385 2.11 -14.61 -3.80
N LEU B 386 0.90 -14.63 -4.34
CA LEU B 386 0.68 -15.06 -5.70
C LEU B 386 1.40 -14.17 -6.75
N TYR B 387 1.74 -12.93 -6.41
CA TYR B 387 2.51 -12.09 -7.30
C TYR B 387 3.99 -12.52 -7.42
N ALA B 388 4.46 -13.43 -6.58
CA ALA B 388 5.74 -14.08 -6.83
C ALA B 388 5.83 -14.82 -8.18
N PHE B 389 4.71 -15.25 -8.76
CA PHE B 389 4.72 -15.89 -10.07
C PHE B 389 4.71 -14.88 -11.21
N SER B 390 5.22 -13.65 -10.95
CA SER B 390 5.31 -12.62 -11.98
C SER B 390 6.79 -12.34 -12.25
N LYS B 391 7.16 -12.23 -13.55
CA LYS B 391 8.54 -11.97 -13.95
C LYS B 391 8.81 -10.46 -13.87
N ASP B 392 8.27 -9.67 -14.80
CA ASP B 392 8.52 -8.22 -14.84
C ASP B 392 7.42 -7.50 -14.04
N ILE B 393 7.42 -7.72 -12.72
CA ILE B 393 6.36 -7.21 -11.84
C ILE B 393 6.33 -5.67 -11.82
N PHE B 394 7.48 -5.01 -11.95
CA PHE B 394 7.52 -3.55 -11.90
C PHE B 394 6.77 -2.87 -13.06
N SER B 395 6.49 -3.62 -14.15
CA SER B 395 5.56 -3.22 -15.19
C SER B 395 4.19 -2.81 -14.62
N VAL B 396 3.71 -3.47 -13.56
CA VAL B 396 2.37 -3.25 -13.01
C VAL B 396 2.22 -1.84 -12.40
N ILE B 397 3.30 -1.10 -12.16
CA ILE B 397 3.23 0.29 -11.73
C ILE B 397 2.49 1.18 -12.76
N ASN B 398 2.50 0.89 -14.08
CA ASN B 398 1.66 1.65 -15.00
C ASN B 398 0.15 1.37 -14.72
N PHE B 399 -0.28 0.09 -14.63
CA PHE B 399 -1.66 -0.27 -14.28
C PHE B 399 -2.09 0.30 -12.92
N PHE B 400 -1.23 0.18 -11.89
CA PHE B 400 -1.43 0.80 -10.58
C PHE B 400 -1.69 2.31 -10.71
N SER B 401 -0.88 3.04 -11.47
CA SER B 401 -1.02 4.49 -11.59
C SER B 401 -2.32 4.85 -12.32
N PHE B 402 -2.69 4.11 -13.37
CA PHE B 402 -3.93 4.37 -14.09
C PHE B 402 -5.15 4.10 -13.19
N PHE B 403 -5.23 2.89 -12.61
CA PHE B 403 -6.38 2.44 -11.84
C PHE B 403 -6.59 3.29 -10.56
N ASN B 404 -5.52 3.65 -9.86
CA ASN B 404 -5.60 4.37 -8.60
C ASN B 404 -6.21 5.77 -8.85
N TRP B 405 -5.63 6.62 -9.72
CA TRP B 405 -6.11 8.02 -9.76
C TRP B 405 -7.48 8.12 -10.44
N LEU B 406 -7.90 7.15 -11.28
CA LEU B 406 -9.29 7.06 -11.73
C LEU B 406 -10.25 6.81 -10.56
N CYS B 407 -9.92 5.92 -9.63
CA CYS B 407 -10.75 5.72 -8.45
C CYS B 407 -10.76 6.98 -7.56
N VAL B 408 -9.63 7.63 -7.32
CA VAL B 408 -9.64 8.89 -6.58
C VAL B 408 -10.44 9.96 -7.33
N ALA B 409 -10.33 10.05 -8.66
CA ALA B 409 -11.15 10.97 -9.44
C ALA B 409 -12.64 10.75 -9.18
N LEU B 410 -13.12 9.50 -9.29
CA LEU B 410 -14.51 9.18 -9.04
C LEU B 410 -14.90 9.54 -7.61
N ALA B 411 -14.04 9.29 -6.62
CA ALA B 411 -14.32 9.66 -5.24
C ALA B 411 -14.50 11.16 -5.06
N ILE B 412 -13.65 11.99 -5.68
CA ILE B 412 -13.75 13.44 -5.51
C ILE B 412 -14.87 14.03 -6.37
N ILE B 413 -15.17 13.47 -7.56
CA ILE B 413 -16.41 13.83 -8.24
C ILE B 413 -17.56 13.60 -7.26
N GLY B 414 -17.56 12.45 -6.58
CA GLY B 414 -18.53 12.13 -5.54
C GLY B 414 -18.57 13.11 -4.37
N MET B 415 -17.42 13.65 -3.94
CA MET B 415 -17.36 14.62 -2.85
C MET B 415 -18.18 15.87 -3.19
N ILE B 416 -18.04 16.43 -4.41
CA ILE B 416 -18.84 17.57 -4.83
C ILE B 416 -20.31 17.16 -4.93
N TRP B 417 -20.58 16.05 -5.64
CA TRP B 417 -21.92 15.55 -5.91
C TRP B 417 -22.71 15.37 -4.62
N LEU B 418 -22.12 14.74 -3.61
CA LEU B 418 -22.82 14.48 -2.35
C LEU B 418 -23.03 15.77 -1.54
N ARG B 419 -22.10 16.73 -1.55
CA ARG B 419 -22.30 18.01 -0.86
C ARG B 419 -23.41 18.86 -1.48
N HIS B 420 -23.67 18.73 -2.80
CA HIS B 420 -24.81 19.35 -3.46
C HIS B 420 -26.11 18.54 -3.28
N ARG B 421 -26.03 17.21 -3.39
CA ARG B 421 -27.20 16.33 -3.41
C ARG B 421 -27.80 16.07 -2.02
N LYS B 422 -26.98 16.10 -0.94
CA LYS B 422 -27.39 15.83 0.43
C LYS B 422 -26.73 16.83 1.39
N PRO B 423 -27.09 18.14 1.33
CA PRO B 423 -26.40 19.18 2.09
C PRO B 423 -26.63 19.15 3.61
N GLU B 424 -27.60 18.35 4.08
CA GLU B 424 -27.92 18.23 5.51
C GLU B 424 -26.90 17.41 6.31
N LEU B 425 -26.05 16.59 5.64
CA LEU B 425 -25.04 15.77 6.30
C LEU B 425 -23.94 16.67 6.88
N GLU B 426 -23.52 16.33 8.12
CA GLU B 426 -22.58 17.12 8.90
C GLU B 426 -21.20 17.22 8.22
N ARG B 427 -20.51 18.36 8.46
CA ARG B 427 -19.20 18.68 7.88
C ARG B 427 -18.25 19.16 8.98
N PRO B 428 -17.77 18.28 9.89
CA PRO B 428 -16.90 18.68 11.01
C PRO B 428 -15.64 19.44 10.62
N ILE B 429 -15.10 19.18 9.42
CA ILE B 429 -14.23 20.11 8.70
C ILE B 429 -14.73 20.24 7.25
N LYS B 430 -14.74 21.50 6.77
CA LYS B 430 -15.04 21.88 5.40
C LYS B 430 -14.01 22.94 5.01
N VAL B 431 -13.45 22.82 3.80
CA VAL B 431 -12.24 23.56 3.42
C VAL B 431 -12.57 24.50 2.26
N ASN B 432 -13.01 23.96 1.11
CA ASN B 432 -13.30 24.77 -0.08
C ASN B 432 -14.10 23.97 -1.11
N LEU B 433 -14.68 24.65 -2.12
CA LEU B 433 -15.22 23.99 -3.31
C LEU B 433 -14.25 24.03 -4.50
N ALA B 434 -13.15 24.82 -4.43
CA ALA B 434 -12.16 24.93 -5.49
C ALA B 434 -11.21 23.72 -5.52
N LEU B 435 -10.70 23.26 -4.36
CA LEU B 435 -9.72 22.17 -4.31
C LEU B 435 -10.27 20.89 -4.97
N PRO B 436 -11.51 20.41 -4.68
CA PRO B 436 -12.13 19.34 -5.45
C PRO B 436 -12.14 19.57 -6.96
N VAL B 437 -12.56 20.74 -7.45
CA VAL B 437 -12.68 21.01 -8.89
C VAL B 437 -11.30 20.95 -9.55
N PHE B 438 -10.30 21.61 -8.94
CA PHE B 438 -8.92 21.57 -9.44
C PHE B 438 -8.39 20.13 -9.47
N PHE B 439 -8.61 19.34 -8.41
CA PHE B 439 -8.15 17.96 -8.39
C PHE B 439 -8.86 17.13 -9.48
N ILE B 440 -10.18 17.29 -9.67
CA ILE B 440 -10.91 16.54 -10.69
C ILE B 440 -10.39 16.87 -12.10
N LEU B 441 -10.27 18.15 -12.47
CA LEU B 441 -9.80 18.47 -13.82
C LEU B 441 -8.34 18.01 -13.99
N ALA B 442 -7.50 18.12 -12.96
CA ALA B 442 -6.13 17.61 -12.98
C ALA B 442 -6.08 16.09 -13.21
N CYS B 443 -6.76 15.30 -12.38
CA CYS B 443 -6.66 13.85 -12.47
C CYS B 443 -7.29 13.37 -13.79
N LEU B 444 -8.42 13.97 -14.22
CA LEU B 444 -9.02 13.59 -15.50
C LEU B 444 -8.13 13.96 -16.68
N PHE B 445 -7.38 15.07 -16.61
CA PHE B 445 -6.32 15.37 -17.58
C PHE B 445 -5.28 14.23 -17.60
N LEU B 446 -4.68 13.92 -16.45
CA LEU B 446 -3.68 12.85 -16.31
C LEU B 446 -4.19 11.51 -16.86
N ILE B 447 -5.46 11.14 -16.61
CA ILE B 447 -6.04 9.91 -17.10
C ILE B 447 -6.23 9.98 -18.63
N ALA B 448 -6.91 11.02 -19.13
CA ALA B 448 -7.25 11.14 -20.54
C ALA B 448 -6.00 11.19 -21.43
N VAL B 449 -4.99 11.96 -21.00
CA VAL B 449 -3.76 12.14 -21.78
C VAL B 449 -2.90 10.87 -21.77
N SER B 450 -2.74 10.19 -20.63
CA SER B 450 -1.97 8.96 -20.58
C SER B 450 -2.69 7.83 -21.34
N PHE B 451 -4.03 7.75 -21.27
CA PHE B 451 -4.82 6.85 -22.10
C PHE B 451 -4.57 7.09 -23.59
N TRP B 452 -4.70 8.34 -24.05
CA TRP B 452 -4.45 8.73 -25.44
C TRP B 452 -3.06 8.31 -25.94
N LYS B 453 -2.02 8.40 -25.10
CA LYS B 453 -0.67 7.95 -25.44
C LYS B 453 -0.48 6.43 -25.37
N THR B 454 -1.36 5.65 -24.68
CA THR B 454 -1.18 4.21 -24.49
C THR B 454 -2.48 3.39 -24.69
N PRO B 455 -3.25 3.53 -25.80
CA PRO B 455 -4.51 2.78 -25.99
C PRO B 455 -4.40 1.26 -25.95
N VAL B 456 -3.27 0.68 -26.39
CA VAL B 456 -3.06 -0.77 -26.45
C VAL B 456 -3.02 -1.35 -25.02
N GLU B 457 -2.26 -0.71 -24.12
CA GLU B 457 -2.16 -1.10 -22.73
C GLU B 457 -3.45 -0.79 -21.95
N CYS B 458 -4.02 0.41 -22.13
CA CYS B 458 -5.22 0.81 -21.39
C CYS B 458 -6.45 -0.04 -21.77
N GLY B 459 -6.56 -0.46 -23.04
CA GLY B 459 -7.62 -1.33 -23.52
C GLY B 459 -7.69 -2.66 -22.78
N ILE B 460 -6.55 -3.39 -22.69
CA ILE B 460 -6.49 -4.62 -21.90
C ILE B 460 -6.74 -4.31 -20.42
N GLY B 461 -6.29 -3.15 -19.91
CA GLY B 461 -6.63 -2.66 -18.57
C GLY B 461 -8.13 -2.66 -18.26
N PHE B 462 -8.97 -2.16 -19.17
CA PHE B 462 -10.42 -2.19 -19.01
C PHE B 462 -10.99 -3.62 -18.88
N THR B 463 -10.33 -4.66 -19.42
CA THR B 463 -10.78 -6.04 -19.20
C THR B 463 -10.60 -6.52 -17.75
N ILE B 464 -9.60 -6.01 -17.03
CA ILE B 464 -9.46 -6.26 -15.59
C ILE B 464 -10.68 -5.68 -14.88
N ILE B 465 -11.06 -4.43 -15.19
CA ILE B 465 -12.22 -3.74 -14.60
C ILE B 465 -13.48 -4.56 -14.86
N LEU B 466 -13.78 -4.84 -16.14
CA LEU B 466 -14.98 -5.51 -16.57
C LEU B 466 -15.04 -6.99 -16.15
N SER B 467 -13.92 -7.63 -15.78
CA SER B 467 -13.90 -8.98 -15.21
C SER B 467 -14.73 -9.11 -13.92
N GLY B 468 -15.06 -8.00 -13.27
CA GLY B 468 -15.86 -8.00 -12.05
C GLY B 468 -17.33 -8.31 -12.27
N LEU B 469 -17.90 -8.00 -13.44
CA LEU B 469 -19.35 -8.12 -13.63
C LEU B 469 -19.80 -9.58 -13.50
N PRO B 470 -19.15 -10.60 -14.11
CA PRO B 470 -19.47 -12.01 -13.84
C PRO B 470 -19.54 -12.37 -12.36
N VAL B 471 -18.52 -11.97 -11.58
CA VAL B 471 -18.44 -12.30 -10.16
C VAL B 471 -19.50 -11.52 -9.36
N TYR B 472 -19.72 -10.26 -9.70
CA TYR B 472 -20.75 -9.42 -9.09
C TYR B 472 -22.13 -10.05 -9.24
N PHE B 473 -22.53 -10.36 -10.46
CA PHE B 473 -23.85 -10.96 -10.69
C PHE B 473 -23.94 -12.30 -9.97
N PHE B 474 -22.95 -13.19 -10.12
CA PHE B 474 -22.96 -14.51 -9.49
C PHE B 474 -23.09 -14.46 -7.96
N GLY B 475 -22.34 -13.56 -7.29
CA GLY B 475 -22.26 -13.50 -5.84
C GLY B 475 -23.23 -12.51 -5.17
N VAL B 476 -23.47 -11.34 -5.80
CA VAL B 476 -24.13 -10.21 -5.15
C VAL B 476 -25.61 -10.11 -5.55
N TRP B 477 -25.95 -10.28 -6.83
CA TRP B 477 -27.17 -9.69 -7.37
C TRP B 477 -28.07 -10.69 -8.12
N TRP B 478 -27.52 -11.36 -9.15
CA TRP B 478 -28.24 -12.33 -9.96
C TRP B 478 -28.44 -13.63 -9.16
N LYS B 479 -27.42 -13.96 -8.33
CA LYS B 479 -27.47 -14.93 -7.23
C LYS B 479 -28.05 -16.29 -7.66
N ASN B 480 -27.29 -17.02 -8.49
CA ASN B 480 -27.58 -18.43 -8.75
C ASN B 480 -27.49 -19.18 -7.42
N LYS B 481 -28.53 -19.96 -7.05
CA LYS B 481 -28.75 -20.40 -5.67
C LYS B 481 -29.36 -21.82 -5.56
N PRO B 482 -28.75 -22.89 -6.13
CA PRO B 482 -29.12 -24.26 -5.77
C PRO B 482 -28.85 -24.47 -4.28
N LYS B 483 -29.75 -25.12 -3.53
CA LYS B 483 -29.60 -25.21 -2.07
C LYS B 483 -28.36 -26.01 -1.65
N TRP B 484 -27.83 -26.90 -2.50
CA TRP B 484 -26.54 -27.54 -2.26
C TRP B 484 -25.36 -26.56 -2.28
N LEU B 485 -25.42 -25.52 -3.13
CA LEU B 485 -24.39 -24.49 -3.18
C LEU B 485 -24.38 -23.70 -1.87
N LEU B 486 -25.56 -23.29 -1.38
CA LEU B 486 -25.69 -22.58 -0.11
C LEU B 486 -25.23 -23.45 1.07
N GLN B 487 -25.56 -24.75 1.08
CA GLN B 487 -25.09 -25.69 2.08
C GLN B 487 -23.55 -25.81 2.06
N GLY B 488 -22.93 -25.81 0.86
CA GLY B 488 -21.48 -25.85 0.69
C GLY B 488 -20.78 -24.58 1.17
N ILE B 489 -21.30 -23.40 0.79
CA ILE B 489 -20.76 -22.12 1.22
C ILE B 489 -20.82 -22.00 2.75
N PHE B 490 -21.96 -22.37 3.35
CA PHE B 490 -22.08 -22.37 4.80
C PHE B 490 -21.08 -23.34 5.45
N SER B 491 -21.03 -24.59 4.97
CA SER B 491 -20.12 -25.60 5.50
C SER B 491 -18.65 -25.15 5.43
N THR B 492 -18.25 -24.54 4.30
CA THR B 492 -16.90 -24.01 4.12
C THR B 492 -16.64 -22.87 5.10
N THR B 493 -17.61 -21.97 5.28
CA THR B 493 -17.47 -20.84 6.19
C THR B 493 -17.26 -21.30 7.64
N VAL B 494 -18.12 -22.20 8.14
CA VAL B 494 -17.99 -22.68 9.52
C VAL B 494 -16.71 -23.49 9.70
N LEU B 495 -16.26 -24.23 8.69
CA LEU B 495 -14.95 -24.88 8.74
C LEU B 495 -13.84 -23.85 8.96
N CYS B 496 -13.83 -22.73 8.21
CA CYS B 496 -12.86 -21.66 8.41
C CYS B 496 -12.97 -21.02 9.80
N GLN B 497 -14.21 -20.84 10.32
CA GLN B 497 -14.41 -20.37 11.68
C GLN B 497 -13.74 -21.31 12.67
N LYS B 498 -13.88 -22.64 12.51
CA LYS B 498 -13.36 -23.63 13.44
C LYS B 498 -11.83 -23.62 13.47
N LEU B 499 -11.18 -23.50 12.30
CA LEU B 499 -9.72 -23.41 12.21
C LEU B 499 -9.20 -22.17 12.93
N MET B 500 -9.67 -20.98 12.50
CA MET B 500 -9.09 -19.71 12.93
C MET B 500 -9.66 -19.22 14.27
N GLN B 501 -10.76 -19.81 14.74
CA GLN B 501 -11.55 -19.39 15.90
C GLN B 501 -12.00 -17.94 15.72
N VAL B 502 -12.91 -17.70 14.77
CA VAL B 502 -13.38 -16.35 14.47
C VAL B 502 -14.91 -16.25 14.49
N VAL B 503 -15.40 -15.09 14.95
CA VAL B 503 -16.80 -14.82 15.23
C VAL B 503 -17.19 -13.58 14.42
N PRO B 504 -18.42 -13.48 13.92
CA PRO B 504 -18.80 -12.31 13.11
C PRO B 504 -18.89 -11.03 13.97
N GLN B 505 -18.77 -9.90 13.28
CA GLN B 505 -18.80 -8.55 13.85
C GLN B 505 -20.19 -8.23 14.39
N GLU B 506 -20.28 -7.50 15.53
CA GLU B 506 -21.55 -7.22 16.19
C GLU B 506 -21.76 -5.72 16.46
N THR B 507 -23.03 -5.27 16.28
CA THR B 507 -23.57 -3.96 16.67
C THR B 507 -22.55 -2.84 16.34
#